data_7WR7
#
_entry.id   7WR7
#
_cell.length_a   1.00
_cell.length_b   1.00
_cell.length_c   1.00
_cell.angle_alpha   90.00
_cell.angle_beta   90.00
_cell.angle_gamma   90.00
#
_symmetry.space_group_name_H-M   'P 1'
#
loop_
_entity.id
_entity.type
_entity.pdbx_description
1 polymer 'Enteropeptidase non-catalytic heavy chain'
2 polymer 'Enteropeptidase catalytic light chain'
3 non-polymer 2-acetamido-2-deoxy-beta-D-glucopyranose
4 non-polymer '4-carbamimidamidobenzoic acid'
#
loop_
_entity_poly.entity_id
_entity_poly.type
_entity_poly.pdbx_seq_one_letter_code
_entity_poly.pdbx_strand_id
1 'polypeptide(L)'
;CGGPFELWEPNTTFSSTNFPNSYPNLAFCVWILNAQKGKNIQLHFQEFDLENINDVVEIRDGEEADSLLLAVYTGPGPVK
DVFSTTNRMTVLLITNDVLARGGFKANFTTGYHLGIPEPCKADHFQCKNGECVPLVNLCDGHLHCEDGSDEADCVRFFNG
TTNNNGLVRFRIQSIWHTACAENWTTQISNDVCQLLGLGSGNSSKPIFPTDGGPFVKLNTAPDGHLILTPSQQCLQDSLI
RLQCNHKSCGKKLAAQDITPK
;
A
2 'polypeptide(L)'
;IVGGSNAKEGAWPWVVGLYYGGRLLCGASLVSSDWLVSAAHCVYGRNLEPSKWTAILGLHMKSNLTSPQTVPRLIDEIVI
NPHYNRRRKDNDIAMMHLEFKVNYTDYIQPICLPEENQVFPPGRNCSIAGWGTVVYQGTTANILQEADVPLLSNERCQQQ
MPEYNITENMICAGYEEGGIDSCQGDSGGPLMCQENNRWFLAGVTSFGYKCALPNRPGVYARVSRFTEWIQSFLH
;
B
#
# COMPACT_ATOMS: atom_id res chain seq x y z
N CYS A 1 19.98 -13.52 22.25
CA CYS A 1 18.73 -14.07 22.75
C CYS A 1 18.47 -13.64 24.19
N GLY A 2 19.56 -13.33 24.90
CA GLY A 2 19.45 -12.93 26.29
C GLY A 2 20.15 -11.60 26.57
N GLY A 3 20.07 -10.67 25.63
CA GLY A 3 20.71 -9.38 25.77
C GLY A 3 20.03 -8.50 26.80
N PRO A 4 20.34 -7.20 26.75
CA PRO A 4 19.76 -6.27 27.73
C PRO A 4 18.29 -5.97 27.47
N PHE A 5 17.73 -5.05 28.23
CA PHE A 5 16.29 -4.77 28.21
C PHE A 5 16.10 -3.28 28.46
N GLU A 6 14.92 -2.91 28.93
CA GLU A 6 14.48 -1.53 29.08
C GLU A 6 15.57 -0.62 29.63
N LEU A 7 15.86 0.45 28.89
CA LEU A 7 16.85 1.45 29.29
C LEU A 7 16.15 2.79 29.50
N TRP A 8 16.84 3.71 30.14
CA TRP A 8 16.29 5.02 30.47
C TRP A 8 17.30 6.12 30.16
N GLU A 9 16.97 7.34 30.58
CA GLU A 9 17.81 8.51 30.30
C GLU A 9 19.20 8.45 30.92
N PRO A 10 19.41 7.94 32.16
CA PRO A 10 20.75 7.95 32.73
C PRO A 10 21.81 7.19 31.93
N ASN A 11 21.40 6.27 31.06
CA ASN A 11 22.40 5.50 30.32
C ASN A 11 22.37 5.81 28.82
N THR A 12 21.24 5.55 28.17
CA THR A 12 21.01 5.88 26.76
C THR A 12 22.03 5.27 25.80
N THR A 13 22.91 4.40 26.29
CA THR A 13 23.97 3.85 25.44
C THR A 13 23.95 2.32 25.48
N PHE A 14 24.09 1.70 24.32
CA PHE A 14 24.05 0.25 24.23
C PHE A 14 24.56 -0.20 22.86
N SER A 15 25.36 -1.26 22.86
CA SER A 15 25.66 -1.99 21.63
C SER A 15 24.59 -3.06 21.41
N SER A 16 24.82 -3.97 20.47
CA SER A 16 23.79 -4.98 20.23
C SER A 16 23.92 -6.13 21.23
N THR A 17 24.93 -6.99 21.06
CA THR A 17 25.35 -7.89 22.13
C THR A 17 26.84 -8.15 22.18
N ASN A 18 27.56 -8.07 21.07
CA ASN A 18 28.94 -8.55 20.97
C ASN A 18 29.76 -7.58 20.11
N PHE A 19 29.66 -6.28 20.43
CA PHE A 19 30.24 -5.16 19.69
C PHE A 19 31.59 -5.42 19.02
N PRO A 20 32.57 -6.10 19.68
CA PRO A 20 33.88 -6.26 19.03
C PRO A 20 33.85 -7.15 17.79
N ASN A 21 33.35 -6.59 16.69
CA ASN A 21 33.60 -7.07 15.33
C ASN A 21 32.85 -8.35 14.95
N SER A 22 32.16 -8.97 15.91
CA SER A 22 31.46 -10.21 15.61
C SER A 22 30.36 -10.45 16.64
N TYR A 23 29.09 -10.53 16.16
CA TYR A 23 27.95 -10.87 17.00
C TYR A 23 27.52 -12.31 16.75
N PRO A 24 26.95 -12.99 17.76
CA PRO A 24 26.56 -14.39 17.58
C PRO A 24 25.37 -14.54 16.63
N ASN A 25 25.36 -15.67 15.92
CA ASN A 25 24.27 -15.96 15.00
C ASN A 25 23.03 -16.40 15.77
N LEU A 26 21.90 -16.44 15.06
CA LEU A 26 20.60 -16.81 15.61
C LEU A 26 20.21 -15.91 16.78
N ALA A 27 20.70 -14.67 16.79
CA ALA A 27 20.41 -13.76 17.89
C ALA A 27 19.06 -13.10 17.71
N PHE A 28 18.38 -12.86 18.84
CA PHE A 28 17.10 -12.15 18.84
C PHE A 28 17.02 -11.36 20.15
N CYS A 29 17.42 -10.10 20.08
CA CYS A 29 17.44 -9.22 21.24
C CYS A 29 16.34 -8.17 21.12
N VAL A 30 16.09 -7.48 22.24
CA VAL A 30 15.05 -6.47 22.29
C VAL A 30 15.49 -5.39 23.28
N TRP A 31 15.55 -4.14 22.80
CA TRP A 31 15.91 -2.99 23.63
C TRP A 31 14.70 -2.07 23.70
N ILE A 32 13.91 -2.22 24.75
CA ILE A 32 12.70 -1.42 24.92
C ILE A 32 13.12 -0.04 25.43
N LEU A 33 13.24 0.91 24.51
CA LEU A 33 13.64 2.27 24.88
C LEU A 33 12.46 3.00 25.49
N ASN A 34 12.57 3.35 26.76
CA ASN A 34 11.50 4.02 27.49
C ASN A 34 11.76 5.52 27.59
N ALA A 35 10.74 6.23 28.03
CA ALA A 35 10.81 7.68 28.19
C ALA A 35 9.71 8.10 29.17
N GLN A 36 9.49 9.41 29.30
CA GLN A 36 8.44 9.93 30.14
C GLN A 36 7.17 10.14 29.32
N LYS A 37 6.05 10.24 30.03
CA LYS A 37 4.75 10.45 29.38
C LYS A 37 4.72 11.76 28.63
N GLY A 38 4.70 11.69 27.30
CA GLY A 38 4.70 12.86 26.46
C GLY A 38 6.03 13.16 25.77
N LYS A 39 7.00 12.25 25.86
CA LYS A 39 8.31 12.43 25.25
C LYS A 39 8.58 11.27 24.32
N ASN A 40 8.93 11.57 23.07
CA ASN A 40 9.23 10.55 22.08
C ASN A 40 10.70 10.12 22.20
N ILE A 41 11.16 9.30 21.26
CA ILE A 41 12.52 8.77 21.26
C ILE A 41 13.15 9.05 19.91
N GLN A 42 14.39 9.57 19.93
CA GLN A 42 15.17 9.79 18.73
C GLN A 42 16.38 8.87 18.77
N LEU A 43 16.38 7.86 17.91
CA LEU A 43 17.44 6.85 17.88
C LEU A 43 18.42 7.20 16.77
N HIS A 44 19.65 7.50 17.15
CA HIS A 44 20.72 7.84 16.21
C HIS A 44 21.81 6.78 16.29
N PHE A 45 22.19 6.24 15.13
CA PHE A 45 23.19 5.19 15.03
C PHE A 45 24.55 5.81 14.73
N GLN A 46 25.49 5.69 15.65
CA GLN A 46 26.86 6.11 15.41
C GLN A 46 27.63 5.16 14.51
N GLU A 47 27.15 3.92 14.35
CA GLU A 47 27.79 2.93 13.52
C GLU A 47 26.78 1.83 13.22
N PHE A 48 26.75 1.39 11.97
CA PHE A 48 25.80 0.35 11.56
C PHE A 48 26.43 -0.44 10.41
N ASP A 49 26.97 -1.61 10.73
CA ASP A 49 27.60 -2.49 9.74
C ASP A 49 27.09 -3.91 9.99
N LEU A 50 26.02 -4.28 9.31
CA LEU A 50 25.41 -5.59 9.43
C LEU A 50 25.49 -6.33 8.09
N GLU A 51 24.89 -7.52 8.07
CA GLU A 51 24.89 -8.35 6.88
C GLU A 51 23.80 -7.85 5.92
N ASN A 52 23.48 -8.66 4.91
CA ASN A 52 22.48 -8.30 3.91
C ASN A 52 21.08 -8.53 4.46
N ILE A 53 20.08 -8.56 3.57
CA ILE A 53 18.68 -8.67 3.95
C ILE A 53 18.43 -9.76 4.97
N ASN A 54 19.29 -10.79 5.00
CA ASN A 54 19.11 -11.87 5.98
C ASN A 54 19.15 -11.35 7.42
N ASP A 55 19.96 -10.33 7.67
CA ASP A 55 20.07 -9.73 9.00
C ASP A 55 19.55 -8.31 8.94
N VAL A 56 18.53 -8.01 9.74
CA VAL A 56 17.89 -6.71 9.76
C VAL A 56 17.69 -6.25 11.20
N VAL A 57 17.49 -4.94 11.35
CA VAL A 57 17.13 -4.33 12.63
C VAL A 57 15.74 -3.76 12.50
N GLU A 58 14.81 -4.26 13.30
CA GLU A 58 13.41 -3.85 13.24
C GLU A 58 13.14 -2.90 14.40
N ILE A 59 13.01 -1.62 14.09
CA ILE A 59 12.75 -0.58 15.08
C ILE A 59 11.24 -0.33 15.11
N ARG A 60 10.64 -0.47 16.29
CA ARG A 60 9.20 -0.37 16.45
C ARG A 60 8.84 0.77 17.39
N ASP A 61 7.54 1.06 17.44
CA ASP A 61 6.95 2.11 18.28
C ASP A 61 5.74 1.57 19.01
N GLY A 62 5.91 0.43 19.67
CA GLY A 62 4.79 -0.32 20.23
C GLY A 62 3.92 0.41 21.24
N GLU A 63 4.45 0.68 22.42
CA GLU A 63 3.72 1.28 23.54
C GLU A 63 2.68 0.30 24.08
N GLU A 64 2.54 -0.84 23.43
CA GLU A 64 1.57 -1.88 23.79
C GLU A 64 1.95 -3.14 23.02
N ALA A 65 1.08 -4.16 23.07
CA ALA A 65 1.34 -5.39 22.35
C ALA A 65 1.23 -5.22 20.84
N ASP A 66 0.41 -4.27 20.37
CA ASP A 66 0.26 -4.02 18.94
C ASP A 66 1.34 -3.04 18.48
N SER A 67 2.54 -3.58 18.27
CA SER A 67 3.68 -2.77 17.91
C SER A 67 3.62 -2.38 16.44
N LEU A 68 3.90 -1.11 16.16
CA LEU A 68 3.94 -0.60 14.80
C LEU A 68 5.33 -0.87 14.21
N LEU A 69 5.61 -0.27 13.05
CA LEU A 69 6.90 -0.41 12.39
C LEU A 69 7.39 0.97 11.97
N LEU A 70 8.65 1.26 12.26
CA LEU A 70 9.26 2.55 11.93
C LEU A 70 10.30 2.45 10.82
N ALA A 71 11.24 1.51 10.94
CA ALA A 71 12.27 1.34 9.93
C ALA A 71 12.88 -0.04 10.07
N VAL A 72 13.33 -0.59 8.93
CA VAL A 72 13.99 -1.88 8.87
C VAL A 72 15.35 -1.64 8.25
N TYR A 73 16.37 -1.44 9.09
CA TYR A 73 17.71 -1.12 8.63
C TYR A 73 18.55 -2.39 8.47
N THR A 74 19.38 -2.41 7.44
CA THR A 74 20.26 -3.54 7.17
C THR A 74 21.36 -3.08 6.22
N GLY A 75 22.36 -3.93 6.07
CA GLY A 75 23.47 -3.66 5.18
C GLY A 75 24.41 -2.60 5.72
N PRO A 76 25.67 -2.65 5.28
CA PRO A 76 26.65 -1.66 5.74
C PRO A 76 26.40 -0.28 5.12
N GLY A 77 26.06 0.69 5.97
CA GLY A 77 25.80 2.03 5.51
C GLY A 77 25.20 2.91 6.58
N PRO A 78 25.55 4.19 6.57
CA PRO A 78 24.99 5.13 7.57
C PRO A 78 23.49 5.25 7.43
N VAL A 79 22.78 4.83 8.47
CA VAL A 79 21.32 4.89 8.47
C VAL A 79 20.88 6.19 9.11
N LYS A 80 19.67 6.63 8.75
CA LYS A 80 19.13 7.88 9.25
C LYS A 80 18.63 7.71 10.68
N ASP A 81 18.18 8.81 11.27
CA ASP A 81 17.64 8.78 12.62
C ASP A 81 16.17 8.38 12.59
N VAL A 82 15.75 7.71 13.67
CA VAL A 82 14.37 7.24 13.80
C VAL A 82 13.72 8.01 14.95
N PHE A 83 12.63 8.70 14.63
CA PHE A 83 11.89 9.51 15.59
C PHE A 83 10.60 8.79 15.97
N SER A 84 10.48 8.41 17.23
CA SER A 84 9.31 7.70 17.71
C SER A 84 8.14 8.67 17.88
N THR A 85 6.99 8.12 18.26
CA THR A 85 5.79 8.91 18.53
C THR A 85 5.34 8.77 19.98
N THR A 86 5.28 7.56 20.50
CA THR A 86 4.94 7.32 21.89
C THR A 86 6.20 7.34 22.76
N ASN A 87 6.03 7.09 24.06
CA ASN A 87 7.13 7.07 25.00
C ASN A 87 7.84 5.73 25.07
N ARG A 88 7.66 4.87 24.07
CA ARG A 88 8.28 3.56 24.06
C ARG A 88 8.72 3.20 22.65
N MET A 89 9.94 2.69 22.54
CA MET A 89 10.47 2.25 21.25
C MET A 89 11.13 0.90 21.43
N THR A 90 10.76 -0.06 20.59
CA THR A 90 11.30 -1.41 20.63
C THR A 90 12.23 -1.63 19.44
N VAL A 91 13.43 -2.13 19.72
CA VAL A 91 14.42 -2.41 18.69
C VAL A 91 14.69 -3.91 18.71
N LEU A 92 14.55 -4.55 17.55
CA LEU A 92 14.73 -5.99 17.41
C LEU A 92 15.90 -6.27 16.49
N LEU A 93 16.73 -7.24 16.85
CA LEU A 93 17.88 -7.65 16.05
C LEU A 93 17.67 -9.09 15.60
N ILE A 94 17.21 -9.25 14.37
CA ILE A 94 17.00 -10.57 13.77
C ILE A 94 18.21 -10.92 12.93
N THR A 95 18.85 -12.05 13.24
CA THR A 95 20.08 -12.45 12.57
C THR A 95 19.93 -13.86 12.01
N ASN A 96 20.73 -14.15 10.98
CA ASN A 96 20.75 -15.45 10.34
C ASN A 96 21.68 -16.40 11.11
N ASP A 97 21.99 -17.54 10.51
CA ASP A 97 22.81 -18.56 11.16
C ASP A 97 24.22 -18.66 10.58
N VAL A 98 24.63 -17.72 9.72
CA VAL A 98 25.93 -17.79 9.08
C VAL A 98 26.32 -16.38 8.64
N LEU A 99 27.62 -16.17 8.42
CA LEU A 99 28.16 -14.90 7.94
C LEU A 99 27.81 -13.76 8.90
N ALA A 100 28.35 -13.86 10.12
CA ALA A 100 28.13 -12.83 11.13
C ALA A 100 28.96 -11.59 10.81
N ARG A 101 28.32 -10.43 10.87
CA ARG A 101 28.98 -9.17 10.58
C ARG A 101 29.51 -8.58 11.90
N GLY A 102 29.93 -7.32 11.87
CA GLY A 102 30.46 -6.67 13.05
C GLY A 102 29.41 -6.36 14.10
N GLY A 103 28.48 -5.47 13.77
CA GLY A 103 27.46 -5.03 14.70
C GLY A 103 27.26 -3.54 14.61
N PHE A 104 26.26 -3.04 15.32
CA PHE A 104 25.92 -1.63 15.31
C PHE A 104 26.10 -1.02 16.71
N LYS A 105 25.80 0.26 16.81
CA LYS A 105 25.88 1.00 18.07
C LYS A 105 25.08 2.29 17.92
N ALA A 106 24.19 2.55 18.88
CA ALA A 106 23.32 3.72 18.81
C ALA A 106 23.19 4.32 20.20
N ASN A 107 22.65 5.55 20.25
CA ASN A 107 22.40 6.21 21.52
C ASN A 107 21.22 7.18 21.32
N PHE A 108 20.15 6.97 22.08
CA PHE A 108 18.96 7.78 21.94
C PHE A 108 18.94 8.90 22.98
N THR A 109 17.89 9.71 22.92
CA THR A 109 17.69 10.78 23.90
C THR A 109 16.21 11.13 23.93
N THR A 110 15.72 11.55 25.09
CA THR A 110 14.31 11.92 25.22
C THR A 110 14.13 13.42 24.99
N GLY A 111 13.11 13.77 24.20
CA GLY A 111 12.83 15.16 23.92
C GLY A 111 11.35 15.44 23.74
N TYR A 112 11.02 16.63 23.27
CA TYR A 112 9.63 17.05 23.04
C TYR A 112 9.44 17.29 21.55
N HIS A 113 8.65 16.43 20.90
CA HIS A 113 8.31 16.56 19.50
C HIS A 113 9.58 16.60 18.62
N LEU A 114 10.45 15.64 18.84
CA LEU A 114 11.66 15.53 18.04
C LEU A 114 11.34 15.03 16.64
N GLY A 115 12.09 15.52 15.66
CA GLY A 115 11.86 15.15 14.28
C GLY A 115 10.85 16.04 13.59
N ILE A 116 9.62 16.05 14.11
CA ILE A 116 8.55 16.89 13.58
C ILE A 116 8.93 18.35 13.79
N PRO A 117 9.10 19.13 12.72
CA PRO A 117 9.47 20.54 12.88
C PRO A 117 8.32 21.36 13.46
N GLU A 118 8.69 22.46 14.09
CA GLU A 118 7.70 23.34 14.70
C GLU A 118 6.88 24.02 13.61
N PRO A 119 5.56 23.95 13.65
CA PRO A 119 4.74 24.61 12.62
C PRO A 119 4.92 26.12 12.64
N CYS A 120 5.13 26.70 11.46
CA CYS A 120 5.32 28.14 11.34
C CYS A 120 4.00 28.85 11.64
N LYS A 121 4.07 29.92 12.44
CA LYS A 121 2.89 30.67 12.83
C LYS A 121 2.50 31.64 11.72
N ALA A 122 1.59 32.56 12.04
CA ALA A 122 1.11 33.58 11.10
C ALA A 122 0.45 32.95 9.88
N ASP A 123 -0.62 32.19 10.15
CA ASP A 123 -1.44 31.52 9.15
C ASP A 123 -0.61 30.89 8.05
N HIS A 124 0.29 29.99 8.45
CA HIS A 124 1.13 29.24 7.53
C HIS A 124 0.71 27.78 7.56
N PHE A 125 0.06 27.33 6.49
CA PHE A 125 -0.38 25.94 6.41
C PHE A 125 0.82 25.02 6.27
N GLN A 126 0.88 23.99 7.11
CA GLN A 126 2.00 23.05 7.14
C GLN A 126 1.55 21.73 6.52
N CYS A 127 2.19 21.34 5.42
CA CYS A 127 1.89 20.05 4.80
C CYS A 127 2.71 18.95 5.47
N LYS A 128 2.66 17.75 4.89
CA LYS A 128 3.25 16.59 5.55
C LYS A 128 4.78 16.65 5.56
N ASN A 129 5.39 17.28 4.55
CA ASN A 129 6.84 17.33 4.47
C ASN A 129 7.47 18.26 5.49
N GLY A 130 6.73 19.25 5.99
CA GLY A 130 7.19 20.14 7.03
C GLY A 130 7.26 21.60 6.63
N GLU A 131 7.30 21.89 5.32
CA GLU A 131 7.42 23.26 4.87
C GLU A 131 6.11 24.01 5.12
N CYS A 132 6.18 25.34 4.98
CA CYS A 132 5.05 26.21 5.23
C CYS A 132 4.60 26.85 3.92
N VAL A 133 3.28 26.81 3.67
CA VAL A 133 2.68 27.40 2.49
C VAL A 133 1.34 28.01 2.88
N PRO A 134 1.30 29.32 3.16
CA PRO A 134 0.05 29.93 3.65
C PRO A 134 -1.12 29.78 2.68
N LEU A 135 -0.97 30.31 1.46
CA LEU A 135 -2.04 30.24 0.48
C LEU A 135 -1.54 29.98 -0.94
N VAL A 136 -0.24 29.79 -1.15
CA VAL A 136 0.27 29.66 -2.51
C VAL A 136 -0.03 28.29 -3.11
N ASN A 137 -0.34 27.28 -2.29
CA ASN A 137 -0.62 25.95 -2.82
C ASN A 137 -1.79 25.27 -2.12
N LEU A 138 -2.69 26.04 -1.50
CA LEU A 138 -3.82 25.46 -0.77
C LEU A 138 -4.94 25.15 -1.76
N CYS A 139 -4.79 24.00 -2.44
CA CYS A 139 -5.74 23.52 -3.44
C CYS A 139 -6.00 24.58 -4.52
N ASP A 140 -4.94 24.90 -5.26
CA ASP A 140 -5.03 25.85 -6.36
C ASP A 140 -4.50 25.32 -7.68
N GLY A 141 -3.74 24.23 -7.68
CA GLY A 141 -3.19 23.66 -8.88
C GLY A 141 -1.67 23.69 -9.01
N HIS A 142 -0.94 23.82 -7.90
CA HIS A 142 0.51 23.86 -7.91
C HIS A 142 1.06 22.65 -7.16
N LEU A 143 2.38 22.54 -7.11
CA LEU A 143 3.08 21.40 -6.54
C LEU A 143 4.20 21.87 -5.61
N HIS A 144 3.88 22.79 -4.70
CA HIS A 144 4.90 23.28 -3.76
C HIS A 144 5.36 22.16 -2.82
N CYS A 145 4.43 21.57 -2.07
CA CYS A 145 4.77 20.49 -1.17
C CYS A 145 5.07 19.22 -1.96
N GLU A 146 6.23 18.62 -1.72
CA GLU A 146 6.65 17.45 -2.47
C GLU A 146 5.85 16.21 -2.08
N ASP A 147 5.31 16.18 -0.86
CA ASP A 147 4.49 15.05 -0.41
C ASP A 147 3.06 15.10 -0.96
N GLY A 148 2.71 16.13 -1.72
CA GLY A 148 1.37 16.23 -2.27
C GLY A 148 0.29 16.61 -1.30
N SER A 149 0.64 16.90 -0.04
CA SER A 149 -0.36 17.31 0.94
C SER A 149 -0.87 18.72 0.69
N ASP A 150 -0.18 19.51 -0.13
CA ASP A 150 -0.71 20.81 -0.51
C ASP A 150 -1.96 20.68 -1.37
N GLU A 151 -2.04 19.62 -2.17
CA GLU A 151 -3.21 19.31 -2.99
C GLU A 151 -4.04 18.19 -2.38
N ALA A 152 -4.16 18.17 -1.06
CA ALA A 152 -4.87 17.11 -0.36
C ALA A 152 -6.37 17.33 -0.47
N ASP A 153 -7.15 16.58 0.30
CA ASP A 153 -8.60 16.62 0.22
C ASP A 153 -9.15 17.99 0.58
N CYS A 154 -9.68 18.71 -0.41
CA CYS A 154 -10.44 19.93 -0.20
C CYS A 154 -11.85 19.85 -0.76
N VAL A 155 -12.10 18.97 -1.73
CA VAL A 155 -13.43 18.71 -2.25
C VAL A 155 -13.78 17.26 -1.93
N ARG A 156 -15.00 17.03 -1.45
CA ARG A 156 -15.43 15.70 -1.07
C ARG A 156 -16.95 15.62 -1.18
N PHE A 157 -17.47 14.40 -0.98
CA PHE A 157 -18.90 14.17 -1.03
C PHE A 157 -19.55 14.59 0.28
N PHE A 158 -20.77 15.12 0.18
CA PHE A 158 -21.55 15.55 1.32
C PHE A 158 -22.93 14.91 1.25
N ASN A 159 -23.29 14.15 2.29
CA ASN A 159 -24.57 13.44 2.35
C ASN A 159 -24.72 12.50 1.16
N GLY A 160 -23.75 11.59 1.02
CA GLY A 160 -23.70 10.65 -0.07
C GLY A 160 -24.34 9.33 0.29
N THR A 161 -25.20 8.84 -0.60
CA THR A 161 -25.85 7.55 -0.38
C THR A 161 -24.85 6.41 -0.51
N THR A 162 -24.23 6.28 -1.68
CA THR A 162 -23.24 5.26 -1.95
C THR A 162 -21.84 5.86 -1.86
N ASN A 163 -20.83 5.07 -2.23
CA ASN A 163 -19.45 5.54 -2.16
C ASN A 163 -19.18 6.65 -3.17
N ASN A 164 -19.44 6.38 -4.46
CA ASN A 164 -19.21 7.35 -5.52
C ASN A 164 -20.48 8.14 -5.78
N ASN A 165 -20.93 8.85 -4.74
CA ASN A 165 -22.13 9.66 -4.81
C ASN A 165 -22.11 10.65 -3.65
N GLY A 166 -22.77 11.78 -3.86
CA GLY A 166 -22.87 12.82 -2.86
C GLY A 166 -22.84 14.18 -3.49
N LEU A 167 -22.56 15.19 -2.68
CA LEU A 167 -22.51 16.57 -3.14
C LEU A 167 -21.13 16.89 -3.71
N VAL A 168 -20.88 18.17 -3.97
CA VAL A 168 -19.64 18.62 -4.60
C VAL A 168 -18.99 19.67 -3.71
N ARG A 169 -19.21 19.54 -2.40
CA ARG A 169 -18.72 20.50 -1.42
C ARG A 169 -17.22 20.76 -1.60
N PHE A 170 -16.88 22.03 -1.84
CA PHE A 170 -15.51 22.46 -2.03
C PHE A 170 -14.97 23.10 -0.75
N ARG A 171 -13.78 23.67 -0.85
CA ARG A 171 -13.15 24.38 0.27
C ARG A 171 -12.12 25.34 -0.30
N ILE A 172 -12.35 26.63 -0.14
CA ILE A 172 -11.43 27.62 -0.70
C ILE A 172 -10.11 27.61 0.07
N GLN A 173 -10.17 27.92 1.37
CA GLN A 173 -9.01 27.77 2.25
C GLN A 173 -9.30 26.89 3.44
N SER A 174 -10.27 27.26 4.28
CA SER A 174 -10.63 26.50 5.47
C SER A 174 -12.08 26.05 5.47
N ILE A 175 -13.01 26.97 5.16
CA ILE A 175 -14.43 26.65 5.25
C ILE A 175 -14.80 25.65 4.16
N TRP A 176 -15.48 24.58 4.56
CA TRP A 176 -16.01 23.59 3.63
C TRP A 176 -17.41 24.03 3.20
N HIS A 177 -17.56 24.39 1.92
CA HIS A 177 -18.82 24.87 1.39
C HIS A 177 -19.15 24.16 0.10
N THR A 178 -20.44 24.09 -0.21
CA THR A 178 -20.91 23.40 -1.40
C THR A 178 -20.75 24.31 -2.62
N ALA A 179 -21.33 23.88 -3.75
CA ALA A 179 -21.23 24.64 -4.98
C ALA A 179 -22.59 24.69 -5.66
N CYS A 180 -22.82 25.76 -6.42
CA CYS A 180 -24.09 25.96 -7.11
C CYS A 180 -24.04 25.30 -8.48
N ALA A 181 -25.06 25.57 -9.30
CA ALA A 181 -25.17 25.01 -10.65
C ALA A 181 -25.51 26.11 -11.64
N GLU A 182 -24.80 27.23 -11.55
CA GLU A 182 -25.08 28.37 -12.42
C GLU A 182 -24.76 28.04 -13.88
N ASN A 183 -23.56 27.53 -14.14
CA ASN A 183 -23.13 27.13 -15.47
C ASN A 183 -22.52 25.73 -15.42
N TRP A 184 -23.21 24.81 -14.74
CA TRP A 184 -22.70 23.45 -14.59
C TRP A 184 -22.83 22.70 -15.90
N THR A 185 -21.71 22.19 -16.40
CA THR A 185 -21.67 21.41 -17.63
C THR A 185 -21.03 20.05 -17.37
N THR A 186 -21.02 19.21 -18.39
CA THR A 186 -20.43 17.88 -18.25
C THR A 186 -18.91 17.95 -18.22
N GLN A 187 -18.32 18.96 -18.87
CA GLN A 187 -16.87 19.09 -18.89
C GLN A 187 -16.35 19.31 -17.47
N ILE A 188 -16.84 20.35 -16.79
CA ILE A 188 -16.41 20.60 -15.42
C ILE A 188 -16.85 19.46 -14.50
N SER A 189 -17.94 18.77 -14.85
CA SER A 189 -18.38 17.63 -14.06
C SER A 189 -17.34 16.53 -14.05
N ASN A 190 -16.88 16.10 -15.24
CA ASN A 190 -15.85 15.07 -15.29
C ASN A 190 -14.51 15.59 -14.78
N ASP A 191 -14.27 16.90 -14.90
CA ASP A 191 -13.05 17.46 -14.31
C ASP A 191 -13.05 17.32 -12.80
N VAL A 192 -14.17 17.66 -12.15
CA VAL A 192 -14.28 17.51 -10.71
C VAL A 192 -14.22 16.04 -10.32
N CYS A 193 -14.85 15.16 -11.12
CA CYS A 193 -14.77 13.73 -10.85
C CYS A 193 -13.34 13.23 -10.91
N GLN A 194 -12.54 13.76 -11.84
CA GLN A 194 -11.13 13.40 -11.91
C GLN A 194 -10.36 13.95 -10.73
N LEU A 195 -10.73 15.16 -10.27
CA LEU A 195 -10.08 15.72 -9.09
C LEU A 195 -10.35 14.90 -7.84
N LEU A 196 -11.53 14.27 -7.76
CA LEU A 196 -11.87 13.42 -6.64
C LEU A 196 -11.18 12.06 -6.68
N GLY A 197 -10.51 11.74 -7.79
CA GLY A 197 -9.89 10.44 -7.95
C GLY A 197 -10.76 9.40 -8.61
N LEU A 198 -11.99 9.75 -9.00
CA LEU A 198 -12.90 8.82 -9.64
C LEU A 198 -12.78 8.97 -11.16
N GLY A 199 -13.72 8.39 -11.90
CA GLY A 199 -13.71 8.45 -13.35
C GLY A 199 -14.34 9.70 -13.90
N SER A 200 -15.27 9.54 -14.84
CA SER A 200 -15.95 10.67 -15.47
C SER A 200 -17.29 10.94 -14.79
N GLY A 201 -17.91 12.06 -15.18
CA GLY A 201 -19.18 12.43 -14.61
C GLY A 201 -20.34 11.66 -15.22
N ASN A 202 -21.47 11.69 -14.51
CA ASN A 202 -22.65 10.96 -14.94
C ASN A 202 -23.87 11.49 -14.19
N SER A 203 -24.90 11.83 -14.97
CA SER A 203 -26.21 12.19 -14.44
C SER A 203 -26.16 13.29 -13.39
N SER A 204 -25.71 14.48 -13.77
CA SER A 204 -25.76 15.62 -12.85
C SER A 204 -27.20 16.09 -12.71
N LYS A 205 -27.74 16.01 -11.49
CA LYS A 205 -29.15 16.29 -11.23
C LYS A 205 -29.28 17.29 -10.09
N PRO A 206 -29.60 18.55 -10.36
CA PRO A 206 -29.91 19.49 -9.27
C PRO A 206 -31.25 19.15 -8.63
N ILE A 207 -31.31 19.30 -7.31
CA ILE A 207 -32.50 18.90 -6.57
C ILE A 207 -33.19 20.10 -5.93
N PHE A 208 -32.51 20.75 -5.00
CA PHE A 208 -33.09 21.85 -4.23
C PHE A 208 -31.98 22.48 -3.39
N PRO A 209 -32.15 23.76 -2.99
CA PRO A 209 -31.16 24.39 -2.11
C PRO A 209 -31.46 24.13 -0.64
N THR A 210 -30.48 23.59 0.09
CA THR A 210 -30.64 23.31 1.51
C THR A 210 -29.48 23.77 2.38
N ASP A 211 -28.30 23.98 1.83
CA ASP A 211 -27.15 24.39 2.62
C ASP A 211 -27.04 25.91 2.64
N GLY A 212 -26.80 26.46 3.82
CA GLY A 212 -26.64 27.89 4.01
C GLY A 212 -25.22 28.40 3.99
N GLY A 213 -24.25 27.54 3.69
CA GLY A 213 -22.86 27.92 3.66
C GLY A 213 -22.52 28.78 2.46
N PRO A 214 -21.29 29.30 2.43
CA PRO A 214 -20.88 30.16 1.30
C PRO A 214 -20.67 29.37 0.02
N PHE A 215 -21.76 28.99 -0.64
CA PHE A 215 -21.66 28.21 -1.87
C PHE A 215 -20.90 28.99 -2.95
N VAL A 216 -20.19 28.25 -3.78
CA VAL A 216 -19.31 28.82 -4.80
C VAL A 216 -19.86 28.48 -6.18
N LYS A 217 -19.79 29.45 -7.09
CA LYS A 217 -20.24 29.27 -8.47
C LYS A 217 -19.08 28.74 -9.30
N LEU A 218 -19.14 27.47 -9.67
CA LEU A 218 -18.09 26.85 -10.47
C LEU A 218 -18.25 27.27 -11.94
N ASN A 219 -17.14 27.70 -12.54
CA ASN A 219 -17.11 28.12 -13.93
C ASN A 219 -15.91 27.47 -14.61
N THR A 220 -15.75 27.74 -15.91
CA THR A 220 -14.66 27.18 -16.69
C THR A 220 -13.97 28.29 -17.46
N ALA A 221 -12.75 28.00 -17.88
CA ALA A 221 -11.93 28.94 -18.64
C ALA A 221 -11.08 28.17 -19.63
N PRO A 222 -10.74 28.77 -20.78
CA PRO A 222 -9.96 28.05 -21.79
C PRO A 222 -8.52 27.78 -21.38
N ASP A 223 -8.06 28.31 -20.25
CA ASP A 223 -6.69 28.06 -19.81
C ASP A 223 -6.49 26.62 -19.35
N GLY A 224 -7.54 25.98 -18.85
CA GLY A 224 -7.45 24.61 -18.39
C GLY A 224 -7.84 24.44 -16.94
N HIS A 225 -7.46 25.41 -16.10
CA HIS A 225 -7.78 25.35 -14.68
C HIS A 225 -9.22 25.79 -14.44
N LEU A 226 -9.72 25.44 -13.27
CA LEU A 226 -11.09 25.78 -12.87
C LEU A 226 -11.04 27.00 -11.95
N ILE A 227 -11.68 28.09 -12.38
CA ILE A 227 -11.76 29.32 -11.61
C ILE A 227 -13.09 29.31 -10.88
N LEU A 228 -13.04 29.22 -9.56
CA LEU A 228 -14.22 29.16 -8.71
C LEU A 228 -14.26 30.41 -7.83
N THR A 229 -15.28 31.23 -8.02
CA THR A 229 -15.43 32.46 -7.24
C THR A 229 -16.41 32.23 -6.10
N PRO A 230 -15.95 32.26 -4.84
CA PRO A 230 -16.83 32.02 -3.69
C PRO A 230 -17.72 33.23 -3.37
N SER A 231 -18.63 33.54 -4.28
CA SER A 231 -19.57 34.64 -4.09
C SER A 231 -20.87 34.11 -3.51
N GLN A 232 -21.31 34.72 -2.40
CA GLN A 232 -22.53 34.31 -1.72
C GLN A 232 -23.67 35.24 -2.16
N GLN A 233 -24.14 35.02 -3.38
CA GLN A 233 -25.29 35.75 -3.90
C GLN A 233 -25.86 34.95 -5.06
N CYS A 234 -27.08 34.44 -4.90
CA CYS A 234 -27.71 33.63 -5.93
C CYS A 234 -29.18 33.46 -5.60
N LEU A 235 -30.01 33.44 -6.64
CA LEU A 235 -31.44 33.18 -6.49
C LEU A 235 -31.76 31.77 -6.99
N GLN A 236 -32.75 31.14 -6.36
CA GLN A 236 -33.18 29.78 -6.65
C GLN A 236 -31.99 28.85 -6.89
N ASP A 237 -31.14 28.75 -5.86
CA ASP A 237 -29.94 27.93 -5.95
C ASP A 237 -30.31 26.46 -6.18
N SER A 238 -29.34 25.71 -6.69
CA SER A 238 -29.53 24.29 -7.00
C SER A 238 -28.23 23.54 -6.69
N LEU A 239 -28.34 22.47 -5.90
CA LEU A 239 -27.17 21.67 -5.53
C LEU A 239 -27.03 20.50 -6.49
N ILE A 240 -25.83 20.35 -7.05
CA ILE A 240 -25.56 19.28 -8.01
C ILE A 240 -25.37 17.98 -7.26
N ARG A 241 -26.18 16.98 -7.60
CA ARG A 241 -26.00 15.62 -7.07
C ARG A 241 -24.98 14.92 -7.95
N LEU A 242 -23.71 15.03 -7.56
CA LEU A 242 -22.63 14.49 -8.36
C LEU A 242 -22.60 12.98 -8.31
N GLN A 243 -22.45 12.35 -9.46
CA GLN A 243 -22.38 10.89 -9.58
C GLN A 243 -21.26 10.56 -10.55
N CYS A 244 -20.11 10.16 -10.01
CA CYS A 244 -18.94 9.82 -10.81
C CYS A 244 -18.80 8.31 -10.92
N ASN A 245 -18.40 7.84 -12.10
CA ASN A 245 -18.13 6.43 -12.29
C ASN A 245 -16.72 6.09 -11.82
N HIS A 246 -16.41 4.80 -11.79
CA HIS A 246 -15.10 4.36 -11.33
C HIS A 246 -14.05 4.57 -12.42
N LYS A 247 -12.79 4.41 -12.03
CA LYS A 247 -11.67 4.54 -12.96
C LYS A 247 -11.50 3.29 -13.80
N SER A 248 -10.32 3.11 -14.40
CA SER A 248 -10.03 1.93 -15.22
C SER A 248 -9.83 0.75 -14.28
N CYS A 249 -10.95 0.16 -13.88
CA CYS A 249 -10.96 -0.94 -12.92
C CYS A 249 -10.53 -2.23 -13.62
N GLY A 250 -10.70 -3.36 -12.95
CA GLY A 250 -10.23 -4.62 -13.48
C GLY A 250 -11.07 -5.16 -14.61
N LYS A 251 -11.04 -4.49 -15.75
CA LYS A 251 -11.74 -4.92 -16.96
C LYS A 251 -10.70 -5.37 -17.99
N LYS A 252 -10.73 -6.64 -18.35
CA LYS A 252 -9.78 -7.20 -19.31
C LYS A 252 -10.11 -6.67 -20.70
N LEU A 253 -9.20 -5.87 -21.27
CA LEU A 253 -9.39 -5.29 -22.59
C LEU A 253 -8.56 -5.97 -23.66
N ALA A 254 -7.87 -7.06 -23.33
CA ALA A 254 -7.06 -7.78 -24.31
C ALA A 254 -7.95 -8.69 -25.14
N ALA A 255 -7.32 -9.59 -25.90
CA ALA A 255 -8.06 -10.55 -26.74
C ALA A 255 -8.16 -11.87 -25.98
N GLN A 256 -9.05 -11.90 -25.00
CA GLN A 256 -9.28 -13.08 -24.18
C GLN A 256 -10.57 -13.78 -24.62
N ASP A 257 -10.69 -15.05 -24.22
CA ASP A 257 -11.86 -15.84 -24.54
C ASP A 257 -12.42 -16.51 -23.28
N ILE A 258 -13.43 -17.36 -23.45
CA ILE A 258 -14.05 -18.08 -22.34
C ILE A 258 -13.87 -19.57 -22.60
N THR A 259 -13.03 -20.21 -21.80
CA THR A 259 -12.77 -21.64 -21.92
C THR A 259 -12.76 -22.29 -20.54
N PRO A 260 -13.57 -23.32 -20.31
CA PRO A 260 -13.59 -24.00 -19.01
C PRO A 260 -12.42 -24.96 -18.82
N LYS A 261 -11.21 -24.41 -18.87
CA LYS A 261 -10.00 -25.21 -18.73
C LYS A 261 -8.84 -24.37 -18.23
N ILE B 1 0.70 -21.21 -7.87
CA ILE B 1 -0.12 -22.04 -8.74
C ILE B 1 0.61 -23.34 -9.04
N VAL B 2 0.05 -24.45 -8.56
CA VAL B 2 0.64 -25.76 -8.74
C VAL B 2 -0.22 -26.64 -9.66
N GLY B 3 -1.55 -26.50 -9.58
CA GLY B 3 -2.43 -27.31 -10.39
C GLY B 3 -3.27 -26.49 -11.36
N GLY B 4 -2.69 -25.40 -11.87
CA GLY B 4 -3.37 -24.53 -12.81
C GLY B 4 -2.85 -24.68 -14.23
N SER B 5 -3.41 -23.86 -15.11
CA SER B 5 -3.06 -23.85 -16.52
C SER B 5 -2.44 -22.51 -16.89
N ASN B 6 -1.85 -22.46 -18.08
CA ASN B 6 -1.25 -21.22 -18.57
C ASN B 6 -2.32 -20.20 -18.90
N ALA B 7 -1.98 -18.93 -18.69
CA ALA B 7 -2.88 -17.81 -18.95
C ALA B 7 -2.60 -17.23 -20.32
N LYS B 8 -3.66 -16.79 -21.00
CA LYS B 8 -3.53 -16.17 -22.30
C LYS B 8 -2.79 -14.84 -22.19
N GLU B 9 -2.12 -14.46 -23.27
CA GLU B 9 -1.38 -13.19 -23.30
C GLU B 9 -2.33 -12.01 -23.16
N GLY B 10 -2.25 -11.31 -22.04
CA GLY B 10 -3.12 -10.18 -21.76
C GLY B 10 -4.30 -10.50 -20.86
N ALA B 11 -4.44 -11.76 -20.43
CA ALA B 11 -5.57 -12.12 -19.56
C ALA B 11 -5.44 -11.53 -18.17
N TRP B 12 -4.22 -11.21 -17.73
CA TRP B 12 -3.99 -10.60 -16.42
C TRP B 12 -3.03 -9.44 -16.58
N PRO B 13 -3.52 -8.28 -16.99
CA PRO B 13 -2.62 -7.13 -17.21
C PRO B 13 -2.16 -6.48 -15.91
N TRP B 14 -2.87 -6.68 -14.80
CA TRP B 14 -2.51 -6.08 -13.52
C TRP B 14 -1.59 -6.95 -12.68
N VAL B 15 -0.84 -7.85 -13.31
CA VAL B 15 0.11 -8.71 -12.61
C VAL B 15 1.51 -8.27 -13.01
N VAL B 16 2.22 -7.65 -12.08
CA VAL B 16 3.55 -7.09 -12.32
C VAL B 16 4.60 -8.04 -11.76
N GLY B 17 5.66 -8.27 -12.53
CA GLY B 17 6.76 -9.10 -12.10
C GLY B 17 7.90 -8.25 -11.60
N LEU B 18 8.21 -8.40 -10.31
CA LEU B 18 9.25 -7.62 -9.65
C LEU B 18 10.56 -8.39 -9.63
N TYR B 19 11.63 -7.78 -10.12
CA TYR B 19 12.95 -8.37 -10.12
C TYR B 19 13.84 -7.69 -9.09
N TYR B 20 14.76 -8.46 -8.52
CA TYR B 20 15.75 -7.95 -7.59
C TYR B 20 17.11 -8.52 -7.99
N GLY B 21 17.89 -7.73 -8.72
CA GLY B 21 19.17 -8.20 -9.21
C GLY B 21 19.07 -9.22 -10.32
N GLY B 22 18.16 -9.02 -11.27
CA GLY B 22 17.99 -9.95 -12.36
C GLY B 22 17.39 -11.28 -11.96
N ARG B 23 16.42 -11.26 -11.05
CA ARG B 23 15.78 -12.49 -10.60
C ARG B 23 14.44 -12.14 -9.96
N LEU B 24 13.36 -12.74 -10.45
CA LEU B 24 12.03 -12.44 -9.93
C LEU B 24 11.86 -13.07 -8.56
N LEU B 25 11.32 -12.29 -7.61
CA LEU B 25 11.10 -12.76 -6.25
C LEU B 25 9.63 -12.83 -5.88
N CYS B 26 8.89 -11.75 -6.09
CA CYS B 26 7.48 -11.70 -5.71
C CYS B 26 6.73 -10.78 -6.64
N GLY B 27 5.61 -11.27 -7.19
CA GLY B 27 4.79 -10.48 -8.06
C GLY B 27 4.04 -9.38 -7.33
N ALA B 28 3.53 -8.43 -8.10
CA ALA B 28 2.80 -7.30 -7.54
C ALA B 28 1.44 -7.13 -8.22
N SER B 29 0.74 -6.05 -7.90
CA SER B 29 -0.58 -5.78 -8.46
C SER B 29 -0.65 -4.31 -8.83
N LEU B 30 -0.72 -4.01 -10.12
CA LEU B 30 -0.82 -2.63 -10.58
C LEU B 30 -2.15 -2.01 -10.15
N VAL B 31 -2.08 -1.01 -9.29
CA VAL B 31 -3.25 -0.34 -8.76
C VAL B 31 -3.45 1.05 -9.37
N SER B 32 -2.37 1.83 -9.46
CA SER B 32 -2.46 3.17 -10.04
C SER B 32 -1.45 3.33 -11.16
N SER B 33 -1.29 4.56 -11.65
CA SER B 33 -0.34 4.79 -12.74
C SER B 33 1.10 4.66 -12.31
N ASP B 34 1.38 4.76 -11.00
CA ASP B 34 2.75 4.66 -10.52
C ASP B 34 2.88 3.87 -9.22
N TRP B 35 1.81 3.28 -8.72
CA TRP B 35 1.83 2.55 -7.46
C TRP B 35 1.52 1.08 -7.68
N LEU B 36 2.13 0.23 -6.85
CA LEU B 36 1.91 -1.20 -6.86
C LEU B 36 1.50 -1.66 -5.47
N VAL B 37 1.15 -2.94 -5.37
CA VAL B 37 0.82 -3.57 -4.09
C VAL B 37 1.46 -4.95 -4.08
N SER B 38 2.36 -5.17 -3.12
CA SER B 38 3.07 -6.44 -3.00
C SER B 38 3.12 -6.84 -1.54
N ALA B 39 3.38 -8.13 -1.31
CA ALA B 39 3.50 -8.64 0.04
C ALA B 39 4.71 -8.03 0.73
N ALA B 40 4.55 -7.68 2.00
CA ALA B 40 5.58 -7.00 2.77
C ALA B 40 6.59 -7.96 3.39
N HIS B 41 6.65 -9.21 2.95
CA HIS B 41 7.64 -10.15 3.47
C HIS B 41 8.77 -10.44 2.49
N CYS B 42 8.63 -10.05 1.22
CA CYS B 42 9.73 -10.12 0.27
C CYS B 42 10.48 -8.81 0.13
N VAL B 43 9.82 -7.68 0.40
CA VAL B 43 10.49 -6.39 0.44
C VAL B 43 10.96 -6.04 1.85
N TYR B 44 10.76 -6.95 2.81
CA TYR B 44 11.21 -6.73 4.18
C TYR B 44 12.73 -6.85 4.24
N GLY B 45 13.40 -5.72 4.42
CA GLY B 45 14.85 -5.66 4.40
C GLY B 45 15.44 -5.22 3.08
N ARG B 46 14.60 -4.88 2.10
CA ARG B 46 15.07 -4.40 0.80
C ARG B 46 14.51 -3.02 0.45
N ASN B 47 13.73 -2.41 1.34
CA ASN B 47 13.16 -1.09 1.08
C ASN B 47 14.17 0.04 1.21
N LEU B 48 15.40 -0.26 1.64
CA LEU B 48 16.41 0.79 1.77
C LEU B 48 16.92 1.25 0.41
N GLU B 49 17.03 0.33 -0.56
CA GLU B 49 17.49 0.64 -1.91
C GLU B 49 16.37 0.28 -2.88
N PRO B 50 15.43 1.20 -3.12
CA PRO B 50 14.34 0.90 -4.06
C PRO B 50 14.79 0.74 -5.50
N SER B 51 15.95 1.31 -5.87
CA SER B 51 16.42 1.22 -7.25
C SER B 51 16.81 -0.19 -7.65
N LYS B 52 16.94 -1.12 -6.70
CA LYS B 52 17.25 -2.50 -7.02
C LYS B 52 16.04 -3.29 -7.49
N TRP B 53 14.84 -2.73 -7.37
CA TRP B 53 13.60 -3.39 -7.80
C TRP B 53 13.18 -2.84 -9.15
N THR B 54 13.07 -3.72 -10.14
CA THR B 54 12.63 -3.36 -11.48
C THR B 54 11.25 -4.00 -11.71
N ALA B 55 10.25 -3.16 -11.92
CA ALA B 55 8.88 -3.63 -12.12
C ALA B 55 8.64 -3.85 -13.61
N ILE B 56 8.43 -5.12 -13.98
CA ILE B 56 8.16 -5.50 -15.36
C ILE B 56 6.65 -5.49 -15.55
N LEU B 57 6.14 -4.48 -16.23
CA LEU B 57 4.70 -4.32 -16.40
C LEU B 57 4.23 -5.06 -17.66
N GLY B 58 3.05 -5.68 -17.54
CA GLY B 58 2.47 -6.38 -18.68
C GLY B 58 3.27 -7.57 -19.15
N LEU B 59 3.89 -8.31 -18.24
CA LEU B 59 4.70 -9.46 -18.61
C LEU B 59 3.81 -10.67 -18.86
N HIS B 60 4.13 -11.43 -19.90
CA HIS B 60 3.43 -12.66 -20.23
C HIS B 60 4.32 -13.88 -20.08
N MET B 61 5.48 -13.90 -20.75
CA MET B 61 6.44 -14.99 -20.66
C MET B 61 7.73 -14.45 -20.08
N LYS B 62 8.29 -15.18 -19.10
CA LYS B 62 9.46 -14.72 -18.38
C LYS B 62 10.75 -14.84 -19.19
N SER B 63 10.67 -15.19 -20.48
CA SER B 63 11.83 -15.27 -21.35
C SER B 63 11.62 -14.44 -22.61
N ASN B 64 10.70 -13.46 -22.55
CA ASN B 64 10.39 -12.63 -23.70
C ASN B 64 10.34 -11.16 -23.28
N LEU B 65 11.37 -10.71 -22.55
CA LEU B 65 11.41 -9.33 -22.09
C LEU B 65 11.56 -8.33 -23.22
N THR B 66 11.90 -8.79 -24.43
CA THR B 66 12.06 -7.90 -25.57
C THR B 66 10.73 -7.67 -26.28
N SER B 67 9.63 -7.97 -25.59
CA SER B 67 8.30 -7.78 -26.17
C SER B 67 8.02 -6.29 -26.36
N PRO B 68 7.29 -5.93 -27.41
CA PRO B 68 6.90 -4.52 -27.59
C PRO B 68 5.84 -4.06 -26.58
N GLN B 69 5.21 -4.98 -25.86
CA GLN B 69 4.22 -4.63 -24.85
C GLN B 69 4.81 -4.53 -23.44
N THR B 70 5.96 -5.14 -23.19
CA THR B 70 6.59 -5.08 -21.88
C THR B 70 7.16 -3.69 -21.64
N VAL B 71 6.77 -3.08 -20.53
CA VAL B 71 7.21 -1.74 -20.15
C VAL B 71 7.93 -1.84 -18.81
N PRO B 72 9.26 -1.89 -18.81
CA PRO B 72 10.00 -1.96 -17.55
C PRO B 72 10.05 -0.60 -16.85
N ARG B 73 9.98 -0.64 -15.53
CA ARG B 73 10.03 0.56 -14.72
C ARG B 73 10.85 0.29 -13.46
N LEU B 74 11.31 1.37 -12.83
CA LEU B 74 12.10 1.30 -11.62
C LEU B 74 11.26 1.72 -10.42
N ILE B 75 11.73 1.33 -9.24
CA ILE B 75 11.08 1.66 -7.97
C ILE B 75 11.89 2.73 -7.27
N ASP B 76 11.20 3.73 -6.72
CA ASP B 76 11.86 4.81 -5.99
C ASP B 76 11.35 4.96 -4.56
N GLU B 77 10.38 4.14 -4.14
CA GLU B 77 9.85 4.23 -2.78
C GLU B 77 9.11 2.93 -2.47
N ILE B 78 9.42 2.35 -1.30
CA ILE B 78 8.79 1.11 -0.84
C ILE B 78 8.23 1.38 0.55
N VAL B 79 6.91 1.51 0.65
CA VAL B 79 6.24 1.84 1.90
C VAL B 79 5.67 0.56 2.47
N ILE B 80 6.32 0.01 3.48
CA ILE B 80 5.82 -1.17 4.18
C ILE B 80 4.74 -0.74 5.17
N ASN B 81 3.72 -1.57 5.31
CA ASN B 81 2.62 -1.25 6.22
C ASN B 81 3.14 -1.11 7.65
N PRO B 82 2.74 -0.05 8.37
CA PRO B 82 3.26 0.13 9.73
C PRO B 82 2.86 -0.98 10.70
N HIS B 83 1.67 -1.55 10.54
CA HIS B 83 1.19 -2.60 11.44
C HIS B 83 1.75 -3.98 11.09
N TYR B 84 2.77 -4.05 10.23
CA TYR B 84 3.33 -5.33 9.84
C TYR B 84 4.07 -5.98 11.00
N ASN B 85 4.05 -7.31 11.02
CA ASN B 85 4.75 -8.09 12.05
C ASN B 85 5.16 -9.41 11.42
N ARG B 86 6.46 -9.58 11.18
CA ARG B 86 6.95 -10.78 10.50
C ARG B 86 6.73 -12.04 11.33
N ARG B 87 6.75 -11.91 12.66
CA ARG B 87 6.59 -13.08 13.52
C ARG B 87 5.15 -13.57 13.53
N ARG B 88 4.18 -12.66 13.46
CA ARG B 88 2.78 -13.02 13.38
C ARG B 88 2.25 -13.05 11.95
N LYS B 89 3.04 -12.56 10.99
CA LYS B 89 2.66 -12.56 9.57
C LYS B 89 1.37 -11.79 9.33
N ASP B 90 1.07 -10.82 10.18
CA ASP B 90 -0.13 -10.01 10.05
C ASP B 90 0.19 -8.69 9.35
N ASN B 91 -0.83 -8.14 8.67
CA ASN B 91 -0.69 -6.90 7.92
C ASN B 91 0.41 -6.99 6.87
N ASP B 92 0.51 -8.15 6.22
CA ASP B 92 1.53 -8.40 5.20
C ASP B 92 1.10 -7.74 3.91
N ILE B 93 1.43 -6.46 3.77
CA ILE B 93 1.10 -5.70 2.57
C ILE B 93 2.04 -4.51 2.49
N ALA B 94 2.42 -4.15 1.27
CA ALA B 94 3.33 -3.04 1.04
C ALA B 94 3.08 -2.46 -0.35
N MET B 95 3.31 -1.16 -0.48
CA MET B 95 3.14 -0.45 -1.73
C MET B 95 4.48 0.05 -2.24
N MET B 96 4.70 -0.06 -3.55
CA MET B 96 5.96 0.31 -4.18
C MET B 96 5.70 1.33 -5.26
N HIS B 97 6.32 2.50 -5.14
CA HIS B 97 6.12 3.57 -6.10
C HIS B 97 7.00 3.34 -7.33
N LEU B 98 6.43 3.59 -8.51
CA LEU B 98 7.16 3.46 -9.76
C LEU B 98 7.98 4.71 -10.04
N GLU B 99 9.05 4.54 -10.81
CA GLU B 99 9.89 5.68 -11.18
C GLU B 99 9.13 6.69 -12.01
N PHE B 100 8.66 6.27 -13.19
CA PHE B 100 7.92 7.13 -14.10
C PHE B 100 6.53 6.55 -14.34
N LYS B 101 5.64 7.40 -14.86
CA LYS B 101 4.29 6.97 -15.18
C LYS B 101 4.31 5.97 -16.34
N VAL B 102 3.29 5.12 -16.38
CA VAL B 102 3.11 4.14 -17.44
C VAL B 102 1.73 4.32 -18.04
N ASN B 103 1.67 4.39 -19.37
CA ASN B 103 0.40 4.53 -20.05
C ASN B 103 -0.39 3.23 -20.02
N TYR B 104 -1.71 3.35 -20.07
CA TYR B 104 -2.60 2.20 -20.03
C TYR B 104 -2.79 1.65 -21.44
N THR B 105 -2.64 0.34 -21.58
CA THR B 105 -2.78 -0.35 -22.85
C THR B 105 -3.68 -1.57 -22.64
N ASP B 106 -3.93 -2.31 -23.72
CA ASP B 106 -4.75 -3.51 -23.63
C ASP B 106 -4.07 -4.61 -22.83
N TYR B 107 -2.74 -4.56 -22.69
CA TYR B 107 -2.00 -5.56 -21.94
C TYR B 107 -1.48 -5.02 -20.60
N ILE B 108 -1.76 -3.76 -20.28
CA ILE B 108 -1.34 -3.16 -19.01
C ILE B 108 -2.52 -2.35 -18.49
N GLN B 109 -3.21 -2.88 -17.48
CA GLN B 109 -4.36 -2.21 -16.88
C GLN B 109 -4.25 -2.26 -15.36
N PRO B 110 -4.65 -1.19 -14.68
CA PRO B 110 -4.60 -1.20 -13.21
C PRO B 110 -5.72 -2.05 -12.62
N ILE B 111 -5.41 -2.68 -11.49
CA ILE B 111 -6.39 -3.52 -10.81
C ILE B 111 -7.36 -2.64 -10.02
N CYS B 112 -8.50 -3.21 -9.67
CA CYS B 112 -9.53 -2.51 -8.92
C CYS B 112 -9.15 -2.44 -7.44
N LEU B 113 -10.05 -1.84 -6.65
CA LEU B 113 -9.88 -1.74 -5.21
C LEU B 113 -11.21 -2.06 -4.53
N PRO B 114 -11.21 -2.94 -3.53
CA PRO B 114 -12.48 -3.27 -2.85
C PRO B 114 -12.95 -2.13 -1.97
N GLU B 115 -14.25 -1.84 -2.04
CA GLU B 115 -14.82 -0.79 -1.23
C GLU B 115 -14.91 -1.22 0.23
N GLU B 116 -15.18 -0.23 1.11
CA GLU B 116 -15.21 -0.50 2.53
C GLU B 116 -16.40 -1.39 2.89
N ASN B 117 -16.14 -2.39 3.74
CA ASN B 117 -17.15 -3.33 4.22
C ASN B 117 -17.81 -4.06 3.05
N GLN B 118 -17.01 -4.82 2.31
CA GLN B 118 -17.47 -5.64 1.20
C GLN B 118 -17.40 -7.10 1.63
N VAL B 119 -18.57 -7.70 1.89
CA VAL B 119 -18.63 -9.06 2.39
C VAL B 119 -18.38 -10.03 1.23
N PHE B 120 -17.28 -10.76 1.29
CA PHE B 120 -17.00 -11.81 0.32
C PHE B 120 -17.49 -13.13 0.89
N PRO B 121 -18.55 -13.72 0.35
CA PRO B 121 -19.10 -14.96 0.93
C PRO B 121 -18.16 -16.13 0.71
N PRO B 122 -18.05 -17.03 1.68
CA PRO B 122 -17.20 -18.22 1.50
C PRO B 122 -17.73 -19.10 0.39
N GLY B 123 -16.84 -19.96 -0.13
CA GLY B 123 -17.17 -20.83 -1.23
C GLY B 123 -17.20 -20.16 -2.58
N ARG B 124 -16.97 -18.84 -2.64
CA ARG B 124 -16.97 -18.11 -3.91
C ARG B 124 -15.59 -18.26 -4.55
N ASN B 125 -15.59 -18.66 -5.83
CA ASN B 125 -14.33 -18.86 -6.53
C ASN B 125 -13.64 -17.54 -6.82
N CYS B 126 -12.31 -17.52 -6.64
CA CYS B 126 -11.48 -16.37 -6.94
C CYS B 126 -10.24 -16.85 -7.68
N SER B 127 -9.83 -16.08 -8.69
CA SER B 127 -8.71 -16.45 -9.53
C SER B 127 -7.42 -15.80 -9.04
N ILE B 128 -6.32 -16.52 -9.18
CA ILE B 128 -4.99 -16.04 -8.81
C ILE B 128 -4.10 -16.07 -10.05
N ALA B 129 -2.90 -15.52 -9.91
CA ALA B 129 -1.93 -15.47 -11.00
C ALA B 129 -0.54 -15.37 -10.41
N GLY B 130 0.45 -15.18 -11.28
CA GLY B 130 1.82 -15.04 -10.84
C GLY B 130 2.74 -16.13 -11.35
N TRP B 131 4.00 -15.79 -11.59
CA TRP B 131 4.98 -16.76 -12.09
C TRP B 131 5.58 -17.51 -10.89
N GLY B 132 4.72 -18.30 -10.25
CA GLY B 132 5.09 -19.06 -9.07
C GLY B 132 5.82 -20.34 -9.41
N THR B 133 5.61 -21.35 -8.57
CA THR B 133 6.23 -22.66 -8.73
C THR B 133 5.14 -23.72 -8.83
N VAL B 134 5.25 -24.58 -9.85
CA VAL B 134 4.23 -25.61 -10.08
C VAL B 134 4.34 -26.79 -9.12
N VAL B 135 5.38 -26.83 -8.31
CA VAL B 135 5.57 -27.92 -7.35
C VAL B 135 6.51 -27.42 -6.26
N TYR B 136 6.29 -27.91 -5.03
CA TYR B 136 7.05 -27.43 -3.87
C TYR B 136 8.55 -27.60 -4.08
N GLN B 137 8.99 -28.84 -4.28
CA GLN B 137 10.40 -29.13 -4.49
C GLN B 137 10.68 -29.25 -5.99
N GLY B 138 10.64 -28.10 -6.66
CA GLY B 138 10.88 -28.06 -8.09
C GLY B 138 11.38 -26.72 -8.59
N THR B 139 11.02 -26.37 -9.82
CA THR B 139 11.44 -25.13 -10.44
C THR B 139 10.22 -24.30 -10.84
N THR B 140 10.43 -23.00 -10.98
CA THR B 140 9.37 -22.09 -11.32
C THR B 140 8.92 -22.29 -12.77
N ALA B 141 7.81 -21.66 -13.12
CA ALA B 141 7.23 -21.77 -14.45
C ALA B 141 7.56 -20.53 -15.27
N ASN B 142 7.83 -20.74 -16.56
CA ASN B 142 8.16 -19.62 -17.43
C ASN B 142 6.91 -18.84 -17.84
N ILE B 143 5.86 -19.56 -18.23
CA ILE B 143 4.62 -18.91 -18.66
C ILE B 143 3.84 -18.44 -17.44
N LEU B 144 3.09 -17.35 -17.62
CA LEU B 144 2.26 -16.81 -16.54
C LEU B 144 1.16 -17.80 -16.21
N GLN B 145 1.27 -18.44 -15.05
CA GLN B 145 0.28 -19.43 -14.63
C GLN B 145 -0.93 -18.75 -14.02
N GLU B 146 -2.03 -19.50 -13.95
CA GLU B 146 -3.26 -19.01 -13.35
C GLU B 146 -4.01 -20.19 -12.76
N ALA B 147 -4.87 -19.89 -11.79
CA ALA B 147 -5.64 -20.92 -11.10
C ALA B 147 -6.91 -20.28 -10.54
N ASP B 148 -7.74 -21.11 -9.92
CA ASP B 148 -9.00 -20.65 -9.33
C ASP B 148 -9.20 -21.37 -8.00
N VAL B 149 -9.36 -20.59 -6.93
CA VAL B 149 -9.52 -21.16 -5.59
C VAL B 149 -10.73 -20.52 -4.91
N PRO B 150 -11.51 -21.28 -4.15
CA PRO B 150 -12.66 -20.71 -3.45
C PRO B 150 -12.26 -20.10 -2.11
N LEU B 151 -13.10 -19.17 -1.65
CA LEU B 151 -12.85 -18.48 -0.40
C LEU B 151 -13.38 -19.29 0.78
N LEU B 152 -12.63 -19.28 1.87
CA LEU B 152 -13.00 -19.98 3.09
C LEU B 152 -13.23 -18.97 4.21
N SER B 153 -14.07 -19.35 5.17
CA SER B 153 -14.35 -18.50 6.31
C SER B 153 -13.15 -18.48 7.26
N ASN B 154 -13.10 -17.43 8.09
CA ASN B 154 -11.99 -17.29 9.02
C ASN B 154 -12.04 -18.37 10.10
N GLU B 155 -13.23 -18.77 10.52
CA GLU B 155 -13.35 -19.82 11.54
C GLU B 155 -12.88 -21.16 11.00
N ARG B 156 -13.32 -21.52 9.79
CA ARG B 156 -12.87 -22.77 9.18
C ARG B 156 -11.38 -22.77 8.94
N CYS B 157 -10.83 -21.63 8.51
CA CYS B 157 -9.39 -21.54 8.28
C CYS B 157 -8.61 -21.67 9.59
N GLN B 158 -9.11 -21.06 10.66
CA GLN B 158 -8.46 -21.19 11.96
C GLN B 158 -8.52 -22.62 12.46
N GLN B 159 -9.64 -23.30 12.20
CA GLN B 159 -9.74 -24.71 12.58
C GLN B 159 -8.80 -25.58 11.76
N GLN B 160 -8.56 -25.20 10.50
CA GLN B 160 -7.65 -25.95 9.64
C GLN B 160 -6.20 -25.52 9.82
N MET B 161 -5.95 -24.32 10.35
CA MET B 161 -4.60 -23.79 10.54
C MET B 161 -4.40 -23.50 12.02
N PRO B 162 -4.09 -24.53 12.83
CA PRO B 162 -3.86 -24.28 14.26
C PRO B 162 -2.45 -23.80 14.58
N GLU B 163 -1.51 -23.92 13.64
CA GLU B 163 -0.14 -23.51 13.92
C GLU B 163 0.02 -22.00 13.86
N TYR B 164 -0.87 -21.30 13.15
CA TYR B 164 -0.82 -19.86 13.01
C TYR B 164 -2.01 -19.21 13.71
N ASN B 165 -2.05 -17.89 13.67
CA ASN B 165 -3.11 -17.11 14.31
C ASN B 165 -3.79 -16.27 13.21
N ILE B 166 -4.85 -16.83 12.63
CA ILE B 166 -5.58 -16.15 11.56
C ILE B 166 -6.39 -15.03 12.19
N THR B 167 -5.96 -13.79 11.98
CA THR B 167 -6.66 -12.63 12.53
C THR B 167 -7.75 -12.19 11.57
N GLU B 168 -8.34 -11.02 11.84
CA GLU B 168 -9.40 -10.47 11.00
C GLU B 168 -8.86 -9.78 9.75
N ASN B 169 -7.55 -9.79 9.54
CA ASN B 169 -6.93 -9.22 8.35
C ASN B 169 -6.41 -10.28 7.41
N MET B 170 -6.94 -11.50 7.47
CA MET B 170 -6.49 -12.62 6.66
C MET B 170 -7.70 -13.32 6.07
N ILE B 171 -7.79 -13.36 4.74
CA ILE B 171 -8.85 -14.07 4.05
C ILE B 171 -8.22 -15.28 3.37
N CYS B 172 -8.56 -16.46 3.86
CA CYS B 172 -7.97 -17.68 3.31
C CYS B 172 -8.70 -18.11 2.04
N ALA B 173 -8.03 -18.95 1.25
CA ALA B 173 -8.60 -19.46 0.01
C ALA B 173 -7.88 -20.74 -0.37
N GLY B 174 -8.64 -21.79 -0.68
CA GLY B 174 -8.06 -23.05 -1.05
C GLY B 174 -9.08 -24.17 -1.14
N TYR B 175 -8.76 -25.22 -1.91
CA TYR B 175 -9.66 -26.35 -2.06
C TYR B 175 -9.66 -27.19 -0.79
N GLU B 176 -10.50 -28.23 -0.78
CA GLU B 176 -10.58 -29.14 0.34
C GLU B 176 -9.56 -30.28 0.23
N GLU B 177 -9.32 -30.77 -0.98
CA GLU B 177 -8.35 -31.82 -1.23
C GLU B 177 -7.02 -31.28 -1.74
N GLY B 178 -6.85 -29.96 -1.74
CA GLY B 178 -5.60 -29.39 -2.22
C GLY B 178 -5.49 -29.49 -3.73
N GLY B 179 -4.26 -29.69 -4.20
CA GLY B 179 -4.02 -29.83 -5.63
C GLY B 179 -3.81 -28.51 -6.35
N ILE B 180 -4.63 -27.52 -6.02
CA ILE B 180 -4.57 -26.20 -6.65
C ILE B 180 -4.41 -25.17 -5.54
N ASP B 181 -3.23 -24.55 -5.49
CA ASP B 181 -2.92 -23.54 -4.48
C ASP B 181 -1.65 -22.82 -4.89
N SER B 182 -1.50 -21.59 -4.40
CA SER B 182 -0.29 -20.83 -4.68
C SER B 182 0.90 -21.44 -3.97
N CYS B 183 2.09 -21.17 -4.50
CA CYS B 183 3.32 -21.73 -3.96
C CYS B 183 4.39 -20.62 -3.97
N GLN B 184 5.64 -21.04 -3.79
CA GLN B 184 6.79 -20.08 -3.76
C GLN B 184 6.81 -19.30 -5.06
N GLY B 185 7.31 -18.05 -5.01
CA GLY B 185 7.39 -17.18 -6.21
C GLY B 185 6.01 -16.74 -6.67
N ASP B 186 5.06 -16.65 -5.74
CA ASP B 186 3.66 -16.23 -6.03
C ASP B 186 3.24 -15.21 -4.98
N SER B 187 3.98 -15.14 -3.86
CA SER B 187 3.68 -14.19 -2.76
C SER B 187 3.83 -12.75 -3.28
N GLY B 188 2.95 -11.85 -2.82
CA GLY B 188 2.99 -10.43 -3.25
C GLY B 188 2.07 -10.21 -4.44
N GLY B 189 1.46 -11.28 -4.95
CA GLY B 189 0.53 -11.20 -6.10
C GLY B 189 -0.90 -10.96 -5.65
N PRO B 190 -1.89 -10.97 -6.56
CA PRO B 190 -3.28 -10.73 -6.20
C PRO B 190 -4.23 -11.95 -6.15
N LEU B 191 -5.32 -11.78 -5.39
CA LEU B 191 -6.42 -12.72 -5.22
C LEU B 191 -7.65 -12.06 -5.83
N MET B 192 -7.84 -12.27 -7.14
CA MET B 192 -8.86 -11.56 -7.89
C MET B 192 -10.18 -12.33 -7.86
N CYS B 193 -11.26 -11.59 -7.65
CA CYS B 193 -12.61 -12.14 -7.64
C CYS B 193 -13.49 -11.28 -8.53
N GLN B 194 -14.16 -11.90 -9.48
CA GLN B 194 -14.99 -11.16 -10.42
C GLN B 194 -16.28 -10.71 -9.75
N GLU B 195 -16.65 -9.45 -9.97
CA GLU B 195 -17.89 -8.91 -9.43
C GLU B 195 -18.36 -7.78 -10.34
N ASN B 196 -19.56 -7.93 -10.91
CA ASN B 196 -20.14 -6.95 -11.83
C ASN B 196 -19.18 -6.69 -13.01
N ASN B 197 -18.71 -7.77 -13.62
CA ASN B 197 -17.78 -7.72 -14.74
C ASN B 197 -16.49 -6.97 -14.40
N ARG B 198 -16.12 -6.95 -13.12
CA ARG B 198 -14.92 -6.27 -12.66
C ARG B 198 -14.12 -7.21 -11.76
N TRP B 199 -12.80 -7.18 -11.89
CA TRP B 199 -11.91 -8.03 -11.11
C TRP B 199 -11.34 -7.19 -9.97
N PHE B 200 -11.89 -7.37 -8.77
CA PHE B 200 -11.44 -6.66 -7.59
C PHE B 200 -10.14 -7.26 -7.07
N LEU B 201 -9.61 -6.67 -6.00
CA LEU B 201 -8.41 -7.15 -5.32
C LEU B 201 -8.81 -7.52 -3.90
N ALA B 202 -9.24 -8.77 -3.72
CA ALA B 202 -9.74 -9.25 -2.45
C ALA B 202 -8.67 -9.93 -1.60
N GLY B 203 -7.41 -9.88 -2.01
CA GLY B 203 -6.36 -10.51 -1.24
C GLY B 203 -4.99 -10.47 -1.89
N VAL B 204 -3.95 -10.54 -1.07
CA VAL B 204 -2.57 -10.62 -1.52
C VAL B 204 -1.92 -11.80 -0.81
N THR B 205 -1.26 -12.67 -1.59
CA THR B 205 -0.69 -13.90 -1.04
C THR B 205 0.32 -13.58 0.06
N SER B 206 0.00 -13.96 1.29
CA SER B 206 0.83 -13.62 2.45
C SER B 206 1.71 -14.78 2.89
N PHE B 207 1.11 -15.92 3.22
CA PHE B 207 1.87 -17.07 3.71
C PHE B 207 1.00 -18.31 3.59
N GLY B 208 1.45 -19.40 4.19
CA GLY B 208 0.74 -20.66 4.17
C GLY B 208 1.57 -21.79 4.75
N TYR B 209 0.92 -22.85 5.23
CA TYR B 209 1.65 -23.98 5.79
C TYR B 209 2.53 -24.64 4.72
N LYS B 210 1.91 -25.14 3.67
CA LYS B 210 2.63 -25.74 2.55
C LYS B 210 1.73 -25.67 1.33
N CYS B 211 2.33 -25.83 0.15
CA CYS B 211 1.62 -25.71 -1.11
C CYS B 211 1.42 -27.08 -1.73
N ALA B 212 0.31 -27.23 -2.46
CA ALA B 212 -0.08 -28.50 -3.07
C ALA B 212 -0.25 -29.59 -1.99
N LEU B 213 -0.89 -29.23 -0.88
CA LEU B 213 -1.15 -30.14 0.21
C LEU B 213 -2.65 -30.22 0.48
N PRO B 214 -3.20 -31.41 0.67
CA PRO B 214 -4.63 -31.52 0.93
C PRO B 214 -5.02 -30.91 2.27
N ASN B 215 -6.16 -30.22 2.29
CA ASN B 215 -6.70 -29.60 3.51
C ASN B 215 -5.71 -28.62 4.12
N ARG B 216 -5.07 -27.81 3.27
CA ARG B 216 -4.13 -26.79 3.72
C ARG B 216 -4.24 -25.58 2.81
N PRO B 217 -5.21 -24.70 3.07
CA PRO B 217 -5.41 -23.54 2.22
C PRO B 217 -4.37 -22.47 2.47
N GLY B 218 -4.20 -21.61 1.47
CA GLY B 218 -3.29 -20.49 1.56
C GLY B 218 -3.96 -19.28 2.19
N VAL B 219 -3.15 -18.49 2.91
CA VAL B 219 -3.62 -17.30 3.59
C VAL B 219 -3.29 -16.08 2.75
N TYR B 220 -4.25 -15.16 2.63
CA TYR B 220 -4.11 -13.97 1.80
C TYR B 220 -4.45 -12.75 2.64
N ALA B 221 -3.63 -11.72 2.53
CA ALA B 221 -3.86 -10.48 3.27
C ALA B 221 -5.12 -9.79 2.75
N ARG B 222 -6.07 -9.56 3.66
CA ARG B 222 -7.36 -8.98 3.27
C ARG B 222 -7.16 -7.52 2.90
N VAL B 223 -7.20 -7.23 1.60
CA VAL B 223 -7.05 -5.86 1.13
C VAL B 223 -8.27 -5.01 1.47
N SER B 224 -9.40 -5.64 1.79
CA SER B 224 -10.59 -4.90 2.17
C SER B 224 -10.39 -4.10 3.44
N ARG B 225 -9.41 -4.46 4.28
CA ARG B 225 -9.11 -3.71 5.48
C ARG B 225 -8.10 -2.59 5.24
N PHE B 226 -7.17 -2.78 4.30
CA PHE B 226 -6.17 -1.77 3.98
C PHE B 226 -6.58 -0.88 2.82
N THR B 227 -7.89 -0.69 2.61
CA THR B 227 -8.35 0.12 1.48
C THR B 227 -7.98 1.59 1.67
N GLU B 228 -8.25 2.14 2.86
CA GLU B 228 -7.96 3.56 3.10
C GLU B 228 -6.46 3.81 3.13
N TRP B 229 -5.68 2.85 3.66
CA TRP B 229 -4.23 3.02 3.68
C TRP B 229 -3.64 3.05 2.28
N ILE B 230 -4.22 2.28 1.35
CA ILE B 230 -3.74 2.32 -0.03
C ILE B 230 -4.21 3.59 -0.73
N GLN B 231 -5.48 3.97 -0.52
CA GLN B 231 -6.02 5.16 -1.15
C GLN B 231 -5.35 6.44 -0.66
N SER B 232 -4.77 6.42 0.55
CA SER B 232 -4.07 7.59 1.05
C SER B 232 -2.81 7.90 0.25
N PHE B 233 -2.27 6.93 -0.50
CA PHE B 233 -1.07 7.13 -1.29
C PHE B 233 -1.36 7.42 -2.76
N LEU B 234 -2.54 7.02 -3.26
CA LEU B 234 -2.86 7.21 -4.67
C LEU B 234 -3.24 8.64 -4.99
N HIS B 235 -3.68 9.41 -4.01
CA HIS B 235 -4.10 10.79 -4.24
C HIS B 235 -2.89 11.68 -4.54
#